data_3ZG3
#
_entry.id   3ZG3
#
_cell.length_a   62.849
_cell.length_b   62.849
_cell.length_c   222.395
_cell.angle_alpha   90.00
_cell.angle_beta   90.00
_cell.angle_gamma   120.00
#
_symmetry.space_group_name_H-M   'P 31 2 1'
#
loop_
_entity.id
_entity.type
_entity.pdbx_description
1 polymer 'STEROL 14-ALPHA DEMETHYLASE'
2 non-polymer 'PROTOPORPHYRIN IX CONTAINING FE'
3 non-polymer N-[4-(trifluoromethyl)phenyl]-N-[1-[5-(trifluoromethyl)pyridin-2-yl]piperidin-4-yl]pyridin-3-amine
4 water water
#
_entity_poly.entity_id   1
_entity_poly.type   'polypeptide(L)'
_entity_poly.pdbx_seq_one_letter_code
;AKKTPPVYPVTVPFLGHIVQFGKNPLEFMQRCKRDLKSGVFTISIGGQRVTIVGDPHEHSRFFSPRNEILSPREVYTIMT
PVFGEGVAYAAPYPRMREQLNFLAEELTIAKFQNFVPAIQHEVRKFMAENWKEDEGVINLLEDCGAMIINTACQCLFGED
LRKRLNARHFAQLLSKMESSLIPAAVFMPWLLRLPLPQSARCREARAELQKILGEIIVAREKEEASKDNNTSDLLGGLLK
AVYRDGTRMSLHEVCGMIVAAMFAGQHTSTITTSWSMLHLMHPKNKKWLDKLHKEIDEFPAQLNYDNVMDEMPFAERCVR
ESIRRDPPLLMVMRMVKAEVKVGSYVVPKGDIIACSPLLSHHDEEAFPNPRLWDPERDEKVDGAFIGFGAGVHKCIGQKF
ALLQVKTILATAFREYDFQLLRDEVPDPDYHTMVVGPTLNQCLVKYTRKKKLPSHHHHHH
;
_entity_poly.pdbx_strand_id   A
#
# COMPACT_ATOMS: atom_id res chain seq x y z
N LYS A 2 10.60 -35.47 -1.37
CA LYS A 2 9.79 -34.66 -2.32
C LYS A 2 8.33 -34.62 -1.89
N LYS A 3 8.11 -34.37 -0.60
CA LYS A 3 6.75 -34.34 -0.04
C LYS A 3 6.24 -32.92 0.21
N THR A 4 4.93 -32.82 0.45
CA THR A 4 4.27 -31.53 0.62
C THR A 4 4.12 -31.15 2.09
N PRO A 5 3.98 -29.84 2.36
CA PRO A 5 3.78 -29.29 3.71
C PRO A 5 2.63 -29.97 4.45
N PRO A 6 2.75 -30.09 5.78
CA PRO A 6 1.77 -30.79 6.62
C PRO A 6 0.46 -30.01 6.72
N VAL A 7 -0.60 -30.59 6.15
CA VAL A 7 -1.90 -29.92 6.07
C VAL A 7 -2.64 -29.84 7.39
N TYR A 8 -3.03 -28.63 7.77
CA TYR A 8 -3.85 -28.39 8.94
C TYR A 8 -5.26 -28.88 8.65
N PRO A 9 -5.82 -29.72 9.53
CA PRO A 9 -7.09 -30.40 9.32
C PRO A 9 -8.31 -29.48 9.44
N VAL A 10 -9.38 -29.82 8.71
CA VAL A 10 -10.62 -29.06 8.76
C VAL A 10 -11.68 -29.77 9.62
N THR A 11 -12.50 -28.97 10.31
CA THR A 11 -13.55 -29.52 11.17
C THR A 11 -14.93 -29.37 10.53
N VAL A 12 -15.31 -28.13 10.25
CA VAL A 12 -16.50 -27.85 9.44
C VAL A 12 -16.05 -27.83 7.99
N PRO A 13 -16.68 -28.67 7.14
CA PRO A 13 -16.11 -28.93 5.82
C PRO A 13 -16.54 -27.96 4.73
N PHE A 14 -15.55 -27.51 3.96
CA PHE A 14 -15.78 -26.60 2.84
C PHE A 14 -15.98 -25.17 3.33
N LEU A 15 -16.14 -25.03 4.63
CA LEU A 15 -15.87 -23.77 5.31
C LEU A 15 -14.36 -23.59 5.21
N GLY A 16 -13.66 -24.72 5.18
CA GLY A 16 -12.21 -24.73 5.15
C GLY A 16 -11.66 -24.16 6.45
N HIS A 17 -11.42 -22.87 6.45
CA HIS A 17 -10.96 -22.16 7.65
C HIS A 17 -11.39 -20.69 7.58
N ILE A 18 -12.31 -20.40 6.66
CA ILE A 18 -12.70 -19.02 6.37
C ILE A 18 -13.32 -18.29 7.56
N VAL A 19 -13.76 -19.05 8.57
CA VAL A 19 -14.32 -18.46 9.78
C VAL A 19 -13.23 -18.18 10.82
N GLN A 20 -12.41 -19.20 11.09
CA GLN A 20 -11.30 -19.02 12.02
C GLN A 20 -10.34 -17.95 11.53
N PHE A 21 -10.22 -17.83 10.22
CA PHE A 21 -9.32 -16.85 9.62
C PHE A 21 -9.91 -15.44 9.69
N GLY A 22 -11.22 -15.36 9.46
CA GLY A 22 -11.91 -14.07 9.44
C GLY A 22 -11.82 -13.28 10.73
N LYS A 23 -11.93 -13.99 11.86
CA LYS A 23 -11.92 -13.33 13.17
C LYS A 23 -10.56 -12.75 13.50
N ASN A 24 -9.54 -13.60 13.56
CA ASN A 24 -8.18 -13.15 13.84
C ASN A 24 -7.13 -13.95 13.06
N PRO A 25 -6.63 -13.39 11.96
CA PRO A 25 -5.67 -14.06 11.10
C PRO A 25 -4.35 -14.32 11.80
N LEU A 26 -3.93 -13.38 12.64
CA LEU A 26 -2.66 -13.52 13.35
C LEU A 26 -2.63 -14.78 14.21
N GLU A 27 -3.55 -14.85 15.17
CA GLU A 27 -3.64 -16.01 16.06
C GLU A 27 -3.76 -17.32 15.29
N PHE A 28 -4.69 -17.34 14.34
CA PHE A 28 -4.93 -18.55 13.55
C PHE A 28 -3.65 -19.05 12.90
N MET A 29 -2.99 -18.18 12.15
CA MET A 29 -1.78 -18.55 11.44
C MET A 29 -0.64 -18.93 12.39
N GLN A 30 -0.56 -18.24 13.52
CA GLN A 30 0.46 -18.53 14.53
C GLN A 30 0.23 -19.91 15.14
N ARG A 31 -1.03 -20.22 15.43
CA ARG A 31 -1.38 -21.53 15.99
C ARG A 31 -1.07 -22.63 14.98
N CYS A 32 -1.39 -22.39 13.72
CA CYS A 32 -1.09 -23.32 12.65
C CYS A 32 0.42 -23.55 12.55
N LYS A 33 1.19 -22.48 12.72
CA LYS A 33 2.64 -22.56 12.65
C LYS A 33 3.21 -23.31 13.86
N ARG A 34 2.60 -23.08 15.01
CA ARG A 34 3.06 -23.66 16.27
C ARG A 34 2.78 -25.16 16.35
N ASP A 35 1.52 -25.55 16.11
CA ASP A 35 1.11 -26.95 16.20
C ASP A 35 1.83 -27.83 15.18
N LEU A 36 1.85 -27.40 13.92
CA LEU A 36 2.49 -28.15 12.85
C LEU A 36 4.01 -28.11 12.94
N LYS A 37 4.54 -27.51 14.01
CA LYS A 37 5.98 -27.43 14.22
C LYS A 37 6.74 -27.02 12.95
N SER A 38 6.07 -26.27 12.08
CA SER A 38 6.65 -25.84 10.82
C SER A 38 6.10 -24.49 10.36
N GLY A 39 6.97 -23.62 9.90
CA GLY A 39 6.55 -22.34 9.33
C GLY A 39 5.84 -22.57 8.01
N VAL A 40 6.14 -23.68 7.36
CA VAL A 40 5.53 -24.05 6.10
C VAL A 40 4.44 -25.08 6.29
N PHE A 41 3.21 -24.72 5.91
CA PHE A 41 2.05 -25.61 6.07
C PHE A 41 0.94 -25.20 5.11
N THR A 42 0.03 -26.14 4.85
CA THR A 42 -1.09 -25.89 3.94
C THR A 42 -2.41 -25.84 4.70
N ILE A 43 -3.22 -24.82 4.41
CA ILE A 43 -4.57 -24.73 4.95
C ILE A 43 -5.59 -24.88 3.82
N SER A 44 -6.84 -25.15 4.19
CA SER A 44 -7.91 -25.31 3.22
C SER A 44 -8.92 -24.18 3.32
N ILE A 45 -9.12 -23.48 2.21
CA ILE A 45 -10.13 -22.42 2.15
C ILE A 45 -11.17 -22.75 1.08
N GLY A 46 -12.24 -23.41 1.49
CA GLY A 46 -13.28 -23.85 0.57
C GLY A 46 -12.79 -24.97 -0.33
N GLY A 47 -11.92 -25.82 0.21
CA GLY A 47 -11.37 -26.94 -0.54
C GLY A 47 -10.07 -26.62 -1.24
N GLN A 48 -9.84 -25.34 -1.49
CA GLN A 48 -8.63 -24.89 -2.15
C GLN A 48 -7.41 -25.07 -1.23
N ARG A 49 -6.36 -25.67 -1.78
CA ARG A 49 -5.13 -25.91 -1.01
C ARG A 49 -4.27 -24.66 -0.92
N VAL A 50 -4.45 -23.90 0.16
CA VAL A 50 -3.65 -22.69 0.39
C VAL A 50 -2.38 -23.03 1.17
N THR A 51 -1.24 -22.72 0.57
CA THR A 51 0.06 -23.08 1.15
C THR A 51 0.87 -21.85 1.57
N ILE A 52 0.98 -21.65 2.89
CA ILE A 52 1.68 -20.48 3.43
C ILE A 52 3.17 -20.74 3.67
N VAL A 53 4.01 -19.82 3.20
CA VAL A 53 5.44 -19.86 3.49
C VAL A 53 5.72 -18.98 4.71
N GLY A 54 5.71 -19.59 5.89
CA GLY A 54 5.80 -18.83 7.14
C GLY A 54 7.16 -18.79 7.80
N ASP A 55 8.15 -19.37 7.13
CA ASP A 55 9.53 -19.34 7.63
C ASP A 55 10.35 -18.25 6.94
N PRO A 56 10.65 -17.16 7.67
CA PRO A 56 11.33 -15.99 7.09
C PRO A 56 12.63 -16.35 6.38
N HIS A 57 13.20 -17.51 6.69
CA HIS A 57 14.43 -17.96 6.03
C HIS A 57 14.14 -18.46 4.62
N GLU A 58 12.87 -18.77 4.35
CA GLU A 58 12.49 -19.37 3.07
C GLU A 58 11.78 -18.38 2.15
N HIS A 59 11.93 -17.09 2.41
CA HIS A 59 11.25 -16.07 1.62
C HIS A 59 11.67 -16.04 0.15
N SER A 60 12.97 -16.17 -0.11
CA SER A 60 13.48 -16.03 -1.47
C SER A 60 12.93 -17.10 -2.41
N ARG A 61 12.34 -18.14 -1.83
CA ARG A 61 11.72 -19.21 -2.62
C ARG A 61 10.47 -18.68 -3.32
N PHE A 62 9.82 -17.71 -2.69
CA PHE A 62 8.56 -17.15 -3.17
C PHE A 62 8.79 -15.94 -4.07
N PHE A 63 9.80 -15.15 -3.74
CA PHE A 63 10.00 -13.85 -4.39
C PHE A 63 10.98 -13.85 -5.57
N SER A 64 11.73 -14.92 -5.72
CA SER A 64 12.81 -14.94 -6.70
C SER A 64 12.44 -15.51 -8.08
N PRO A 65 11.53 -16.50 -8.11
CA PRO A 65 11.17 -17.16 -9.37
C PRO A 65 10.47 -16.22 -10.35
N ARG A 66 10.48 -16.58 -11.63
CA ARG A 66 9.79 -15.81 -12.66
C ARG A 66 8.28 -16.05 -12.61
N ASN A 67 7.53 -15.32 -13.42
CA ASN A 67 6.08 -15.44 -13.46
C ASN A 67 5.61 -16.77 -14.03
N GLU A 68 6.36 -17.31 -14.98
CA GLU A 68 6.02 -18.59 -15.62
C GLU A 68 5.99 -19.71 -14.58
N ILE A 69 6.81 -19.57 -13.55
CA ILE A 69 6.84 -20.52 -12.45
C ILE A 69 5.79 -20.15 -11.41
N LEU A 70 5.88 -18.92 -10.91
CA LEU A 70 4.91 -18.41 -9.94
C LEU A 70 4.08 -17.28 -10.56
N SER A 71 2.78 -17.53 -10.70
CA SER A 71 1.90 -16.60 -11.38
C SER A 71 0.95 -15.89 -10.42
N PRO A 72 1.03 -14.56 -10.36
CA PRO A 72 0.13 -13.77 -9.52
C PRO A 72 -1.23 -13.58 -10.18
N ARG A 73 -1.23 -13.51 -11.51
CA ARG A 73 -2.41 -13.19 -12.29
C ARG A 73 -3.69 -13.88 -11.84
N GLU A 74 -3.72 -15.21 -11.92
CA GLU A 74 -4.95 -15.97 -11.67
C GLU A 74 -5.48 -15.84 -10.24
N VAL A 75 -4.67 -15.27 -9.35
CA VAL A 75 -5.09 -15.06 -7.97
C VAL A 75 -5.43 -13.59 -7.73
N TYR A 76 -4.90 -12.72 -8.58
CA TYR A 76 -5.11 -11.28 -8.44
C TYR A 76 -6.14 -10.74 -9.43
N THR A 77 -6.87 -11.64 -10.08
CA THR A 77 -7.82 -11.23 -11.10
C THR A 77 -8.83 -10.20 -10.59
N ILE A 78 -9.04 -10.17 -9.30
CA ILE A 78 -10.15 -9.43 -8.78
C ILE A 78 -10.03 -8.01 -9.25
N MET A 79 -8.81 -7.58 -9.50
CA MET A 79 -8.52 -6.19 -9.83
C MET A 79 -8.85 -5.84 -11.28
N THR A 80 -9.20 -6.85 -12.08
CA THR A 80 -9.42 -6.66 -13.51
C THR A 80 -10.52 -5.67 -13.85
N PRO A 81 -11.63 -5.66 -13.08
CA PRO A 81 -12.65 -4.66 -13.34
C PRO A 81 -12.22 -3.26 -12.87
N VAL A 82 -11.42 -3.21 -11.82
CA VAL A 82 -10.98 -1.93 -11.25
C VAL A 82 -10.03 -1.18 -12.20
N PHE A 83 -9.10 -1.92 -12.81
CA PHE A 83 -8.14 -1.30 -13.72
C PHE A 83 -8.57 -1.45 -15.17
N GLY A 84 -9.48 -2.37 -15.43
CA GLY A 84 -9.98 -2.62 -16.79
C GLY A 84 -9.27 -3.77 -17.46
N GLU A 85 -9.73 -4.13 -18.65
CA GLU A 85 -9.14 -5.23 -19.41
C GLU A 85 -7.88 -4.79 -20.14
N GLY A 86 -6.92 -5.71 -20.28
CA GLY A 86 -5.67 -5.43 -20.97
C GLY A 86 -4.72 -4.59 -20.14
N VAL A 87 -5.10 -4.34 -18.89
CA VAL A 87 -4.28 -3.54 -17.97
C VAL A 87 -3.83 -4.38 -16.79
N ALA A 88 -2.56 -4.20 -16.40
CA ALA A 88 -1.99 -4.96 -15.30
C ALA A 88 -2.00 -6.46 -15.59
N TYR A 89 -2.60 -7.24 -14.71
CA TYR A 89 -2.61 -8.69 -14.87
C TYR A 89 -3.42 -9.12 -16.08
N ALA A 90 -4.57 -8.48 -16.28
CA ALA A 90 -5.40 -8.75 -17.46
C ALA A 90 -4.52 -8.83 -18.69
N ALA A 91 -3.57 -7.90 -18.80
CA ALA A 91 -2.59 -7.92 -19.87
C ALA A 91 -1.59 -9.05 -19.63
N PRO A 92 -0.97 -9.54 -20.72
CA PRO A 92 0.07 -10.56 -20.60
C PRO A 92 1.27 -10.03 -19.81
N TYR A 93 2.05 -10.94 -19.24
CA TYR A 93 3.16 -10.56 -18.37
C TYR A 93 4.18 -9.62 -19.03
N PRO A 94 4.57 -9.90 -20.28
CA PRO A 94 5.55 -9.05 -20.97
C PRO A 94 5.10 -7.60 -21.07
N ARG A 95 3.84 -7.38 -21.43
CA ARG A 95 3.34 -6.03 -21.65
C ARG A 95 2.87 -5.36 -20.36
N MET A 96 2.56 -6.18 -19.35
CA MET A 96 2.32 -5.64 -18.02
C MET A 96 3.63 -5.08 -17.48
N ARG A 97 4.71 -5.81 -17.74
CA ARG A 97 6.05 -5.34 -17.39
C ARG A 97 6.30 -4.01 -18.08
N GLU A 98 5.96 -3.93 -19.36
CA GLU A 98 6.10 -2.69 -20.11
C GLU A 98 5.28 -1.58 -19.46
N GLN A 99 4.03 -1.90 -19.12
CA GLN A 99 3.14 -0.95 -18.46
C GLN A 99 3.74 -0.47 -17.14
N LEU A 100 4.25 -1.41 -16.34
CA LEU A 100 4.84 -1.07 -15.05
C LEU A 100 6.13 -0.28 -15.20
N ASN A 101 6.83 -0.50 -16.30
CA ASN A 101 8.04 0.27 -16.58
C ASN A 101 7.72 1.74 -16.81
N PHE A 102 6.61 2.00 -17.48
CA PHE A 102 6.18 3.38 -17.73
C PHE A 102 5.84 4.06 -16.42
N LEU A 103 5.19 3.33 -15.52
CA LEU A 103 4.79 3.86 -14.23
C LEU A 103 6.00 4.11 -13.35
N ALA A 104 6.89 3.12 -13.30
CA ALA A 104 8.10 3.23 -12.48
C ALA A 104 9.03 4.33 -12.98
N GLU A 105 9.00 4.58 -14.29
CA GLU A 105 9.83 5.64 -14.87
C GLU A 105 9.19 7.01 -14.64
N GLU A 106 8.06 7.02 -13.94
CA GLU A 106 7.40 8.26 -13.56
C GLU A 106 7.58 8.57 -12.09
N LEU A 107 8.15 7.61 -11.35
CA LEU A 107 8.45 7.80 -9.94
C LEU A 107 9.96 7.77 -9.69
N THR A 108 10.72 8.29 -10.65
CA THR A 108 12.16 8.36 -10.51
C THR A 108 12.55 9.48 -9.57
N ILE A 109 13.64 9.29 -8.83
CA ILE A 109 14.10 10.28 -7.87
C ILE A 109 14.35 11.64 -8.52
N ALA A 110 14.31 11.67 -9.85
CA ALA A 110 14.44 12.92 -10.59
C ALA A 110 13.15 13.72 -10.49
N LYS A 111 12.03 13.02 -10.55
CA LYS A 111 10.71 13.63 -10.44
C LYS A 111 10.47 14.14 -9.01
N PHE A 112 11.14 13.49 -8.06
CA PHE A 112 10.91 13.74 -6.63
C PHE A 112 11.36 15.13 -6.16
N GLN A 113 12.08 15.84 -7.01
CA GLN A 113 12.59 17.17 -6.66
C GLN A 113 11.46 18.15 -6.39
N ASN A 114 10.37 18.00 -7.12
CA ASN A 114 9.20 18.86 -6.96
C ASN A 114 8.27 18.42 -5.83
N PHE A 115 8.33 17.14 -5.49
CA PHE A 115 7.32 16.53 -4.62
C PHE A 115 7.26 17.08 -3.20
N VAL A 116 8.42 17.27 -2.57
CA VAL A 116 8.46 17.69 -1.18
C VAL A 116 7.70 19.00 -0.91
N PRO A 117 8.02 20.07 -1.65
CA PRO A 117 7.28 21.31 -1.51
C PRO A 117 5.79 21.17 -1.85
N ALA A 118 5.46 20.28 -2.78
CA ALA A 118 4.08 20.09 -3.20
C ALA A 118 3.24 19.36 -2.13
N ILE A 119 3.89 18.46 -1.40
CA ILE A 119 3.22 17.72 -0.34
C ILE A 119 2.99 18.61 0.88
N GLN A 120 3.99 19.42 1.20
CA GLN A 120 3.89 20.36 2.33
C GLN A 120 2.77 21.38 2.12
N HIS A 121 2.60 21.80 0.88
CA HIS A 121 1.58 22.78 0.52
C HIS A 121 0.17 22.30 0.86
N GLU A 122 -0.13 21.05 0.53
CA GLU A 122 -1.47 20.50 0.74
C GLU A 122 -1.71 20.04 2.18
N VAL A 123 -0.64 19.71 2.89
CA VAL A 123 -0.76 19.37 4.30
C VAL A 123 -1.10 20.62 5.10
N ARG A 124 -0.42 21.71 4.76
CA ARG A 124 -0.65 23.00 5.43
C ARG A 124 -1.97 23.63 5.03
N LYS A 125 -2.45 23.33 3.82
CA LYS A 125 -3.77 23.75 3.40
C LYS A 125 -4.85 23.02 4.21
N PHE A 126 -4.67 21.71 4.37
CA PHE A 126 -5.61 20.88 5.12
C PHE A 126 -5.61 21.22 6.60
N MET A 127 -4.44 21.56 7.13
CA MET A 127 -4.31 21.93 8.53
C MET A 127 -4.94 23.31 8.80
N ALA A 128 -4.95 24.16 7.79
CA ALA A 128 -5.52 25.50 7.92
C ALA A 128 -7.05 25.48 7.87
N GLU A 129 -7.60 24.45 7.24
CA GLU A 129 -9.05 24.37 7.02
C GLU A 129 -9.76 23.40 7.97
N ASN A 130 -8.99 22.50 8.59
CA ASN A 130 -9.57 21.49 9.47
C ASN A 130 -9.00 21.50 10.89
N TRP A 131 -7.72 21.83 11.01
CA TRP A 131 -7.07 21.98 12.29
C TRP A 131 -7.29 23.41 12.80
N LYS A 132 -8.43 24.00 12.44
CA LYS A 132 -8.67 25.44 12.65
C LYS A 132 -8.54 25.92 14.11
N GLU A 133 -9.19 25.24 15.04
CA GLU A 133 -9.13 25.61 16.45
C GLU A 133 -7.75 25.29 17.03
N ASP A 134 -7.48 25.78 18.24
CA ASP A 134 -6.23 25.47 18.91
C ASP A 134 -6.30 24.10 19.57
N GLU A 135 -7.47 23.79 20.13
CA GLU A 135 -7.74 22.46 20.67
C GLU A 135 -8.99 21.89 19.99
N GLY A 136 -8.87 20.69 19.43
CA GLY A 136 -9.98 20.06 18.73
C GLY A 136 -9.86 18.56 18.64
N VAL A 137 -11.00 17.90 18.45
CA VAL A 137 -11.03 16.45 18.28
C VAL A 137 -11.24 16.09 16.81
N ILE A 138 -10.36 15.26 16.28
CA ILE A 138 -10.50 14.77 14.91
C ILE A 138 -10.22 13.28 14.81
N ASN A 139 -10.76 12.65 13.77
CA ASN A 139 -10.46 11.24 13.50
C ASN A 139 -9.26 11.10 12.59
N LEU A 140 -8.16 10.62 13.15
CA LEU A 140 -6.88 10.56 12.44
C LEU A 140 -6.93 9.76 11.14
N LEU A 141 -7.61 8.62 11.19
CA LEU A 141 -7.65 7.71 10.04
C LEU A 141 -8.33 8.32 8.82
N GLU A 142 -9.42 9.06 9.04
CA GLU A 142 -10.15 9.69 7.94
C GLU A 142 -9.46 10.97 7.47
N ASP A 143 -8.59 11.52 8.31
CA ASP A 143 -7.89 12.75 7.99
C ASP A 143 -6.57 12.51 7.26
N CYS A 144 -5.87 11.44 7.63
CA CYS A 144 -4.63 11.10 6.95
C CYS A 144 -4.91 10.64 5.52
N GLY A 145 -6.07 10.01 5.34
CA GLY A 145 -6.52 9.59 4.02
C GLY A 145 -6.76 10.81 3.14
N ALA A 146 -7.41 11.82 3.70
CA ALA A 146 -7.68 13.05 2.99
C ALA A 146 -6.37 13.75 2.61
N MET A 147 -5.37 13.62 3.48
CA MET A 147 -4.06 14.20 3.22
C MET A 147 -3.30 13.41 2.17
N ILE A 148 -3.42 12.08 2.22
CA ILE A 148 -2.74 11.24 1.26
C ILE A 148 -3.26 11.43 -0.17
N ILE A 149 -4.58 11.52 -0.32
CA ILE A 149 -5.16 11.71 -1.65
C ILE A 149 -4.86 13.12 -2.18
N ASN A 150 -4.87 14.10 -1.28
CA ASN A 150 -4.60 15.49 -1.65
C ASN A 150 -3.17 15.69 -2.15
N THR A 151 -2.21 15.23 -1.35
CA THR A 151 -0.78 15.40 -1.68
C THR A 151 -0.37 14.57 -2.89
N ALA A 152 -0.97 13.39 -3.03
CA ALA A 152 -0.68 12.51 -4.16
C ALA A 152 -1.16 13.12 -5.48
N CYS A 153 -2.25 13.88 -5.41
CA CYS A 153 -2.76 14.58 -6.57
C CYS A 153 -1.95 15.85 -6.83
N GLN A 154 -1.36 16.38 -5.77
CA GLN A 154 -0.54 17.57 -5.90
C GLN A 154 0.82 17.22 -6.50
N CYS A 155 1.08 15.93 -6.60
CA CYS A 155 2.37 15.45 -7.11
C CYS A 155 2.28 15.00 -8.55
N LEU A 156 1.34 14.11 -8.85
CA LEU A 156 1.29 13.46 -10.16
C LEU A 156 0.20 13.97 -11.09
N PHE A 157 -0.59 14.93 -10.61
CA PHE A 157 -1.64 15.53 -11.43
C PHE A 157 -1.26 16.94 -11.85
N GLY A 158 -1.44 17.26 -13.13
CA GLY A 158 -1.13 18.58 -13.66
C GLY A 158 -2.16 19.63 -13.24
N GLU A 159 -1.76 20.90 -13.32
CA GLU A 159 -2.64 22.01 -12.94
C GLU A 159 -4.02 21.88 -13.56
N ASP A 160 -4.07 21.82 -14.89
CA ASP A 160 -5.34 21.74 -15.61
C ASP A 160 -6.21 20.58 -15.13
N LEU A 161 -5.57 19.43 -14.89
CA LEU A 161 -6.28 18.25 -14.43
C LEU A 161 -6.85 18.42 -13.03
N ARG A 162 -6.14 19.18 -12.20
CA ARG A 162 -6.60 19.47 -10.85
C ARG A 162 -7.75 20.48 -10.85
N LYS A 163 -7.80 21.32 -11.87
CA LYS A 163 -8.90 22.26 -12.02
C LYS A 163 -10.16 21.51 -12.44
N ARG A 164 -9.98 20.54 -13.33
CA ARG A 164 -11.11 19.75 -13.84
C ARG A 164 -11.39 18.53 -12.99
N LEU A 165 -10.45 18.18 -12.15
CA LEU A 165 -10.65 17.18 -11.15
C LEU A 165 -9.86 17.62 -9.96
N ASN A 166 -10.47 17.61 -8.80
CA ASN A 166 -9.77 17.72 -7.53
C ASN A 166 -9.71 16.38 -6.82
N ALA A 167 -8.85 16.29 -5.80
CA ALA A 167 -8.63 15.04 -5.07
C ALA A 167 -9.90 14.57 -4.36
N ARG A 168 -10.60 15.50 -3.73
CA ARG A 168 -11.79 15.17 -2.95
C ARG A 168 -12.88 14.50 -3.78
N HIS A 169 -12.99 14.89 -5.06
CA HIS A 169 -13.92 14.24 -5.96
C HIS A 169 -13.34 12.93 -6.48
N PHE A 170 -12.03 12.90 -6.62
CA PHE A 170 -11.34 11.71 -7.13
C PHE A 170 -11.43 10.55 -6.13
N ALA A 171 -11.30 10.87 -4.85
CA ALA A 171 -11.41 9.86 -3.80
C ALA A 171 -12.82 9.28 -3.77
N GLN A 172 -13.81 10.08 -4.16
CA GLN A 172 -15.19 9.62 -4.25
C GLN A 172 -15.38 8.73 -5.47
N LEU A 173 -14.54 8.92 -6.47
CA LEU A 173 -14.53 8.04 -7.63
C LEU A 173 -13.81 6.74 -7.30
N LEU A 174 -12.78 6.85 -6.47
CA LEU A 174 -12.00 5.67 -6.03
C LEU A 174 -12.84 4.70 -5.20
N SER A 175 -13.58 5.24 -4.24
CA SER A 175 -14.45 4.42 -3.40
C SER A 175 -15.64 3.89 -4.20
N LYS A 176 -16.03 4.65 -5.22
CA LYS A 176 -17.09 4.25 -6.13
C LYS A 176 -16.63 3.02 -6.91
N MET A 177 -15.32 2.89 -7.03
CA MET A 177 -14.72 1.92 -7.93
C MET A 177 -14.29 0.64 -7.21
N GLU A 178 -13.83 0.79 -5.97
CA GLU A 178 -13.30 -0.35 -5.22
C GLU A 178 -14.38 -1.19 -4.55
N SER A 179 -15.56 -0.61 -4.37
CA SER A 179 -16.63 -1.27 -3.61
C SER A 179 -17.06 -2.62 -4.19
N SER A 180 -16.49 -2.98 -5.33
CA SER A 180 -16.79 -4.27 -5.96
C SER A 180 -15.88 -5.38 -5.43
N LEU A 181 -15.03 -5.04 -4.46
CA LEU A 181 -14.09 -5.99 -3.88
C LEU A 181 -14.63 -6.66 -2.62
N ILE A 182 -14.67 -7.99 -2.64
CA ILE A 182 -14.97 -8.77 -1.45
C ILE A 182 -13.85 -9.78 -1.20
N PRO A 183 -13.30 -9.78 0.03
CA PRO A 183 -12.17 -10.64 0.39
C PRO A 183 -12.37 -12.10 -0.01
N ALA A 184 -13.59 -12.60 0.14
CA ALA A 184 -13.89 -13.99 -0.17
C ALA A 184 -14.33 -14.18 -1.62
N ALA A 185 -13.49 -13.70 -2.55
CA ALA A 185 -13.74 -13.85 -3.98
C ALA A 185 -12.42 -14.01 -4.71
N VAL A 186 -11.38 -14.41 -3.97
CA VAL A 186 -10.04 -14.53 -4.53
C VAL A 186 -9.61 -15.98 -4.70
N PHE A 187 -10.34 -16.90 -4.07
CA PHE A 187 -9.98 -18.31 -4.13
C PHE A 187 -10.98 -19.12 -4.97
N MET A 188 -12.13 -18.53 -5.25
CA MET A 188 -13.15 -19.18 -6.07
C MET A 188 -13.16 -18.60 -7.48
N PRO A 189 -12.70 -19.38 -8.47
CA PRO A 189 -12.63 -18.94 -9.86
C PRO A 189 -14.01 -18.71 -10.49
N TRP A 190 -15.05 -19.28 -9.91
CA TRP A 190 -16.41 -19.04 -10.38
C TRP A 190 -17.00 -17.79 -9.73
N LEU A 196 -22.04 -8.70 -11.81
CA LEU A 196 -21.70 -8.22 -10.47
C LEU A 196 -22.59 -7.06 -10.06
N PRO A 197 -23.07 -7.07 -8.81
CA PRO A 197 -23.99 -6.04 -8.29
C PRO A 197 -23.30 -4.71 -7.97
N GLN A 198 -22.01 -4.61 -8.26
CA GLN A 198 -21.26 -3.38 -7.98
C GLN A 198 -20.52 -2.90 -9.23
N SER A 199 -20.20 -3.82 -10.12
CA SER A 199 -19.55 -3.46 -11.38
C SER A 199 -20.36 -2.42 -12.14
N ALA A 200 -21.68 -2.42 -11.90
CA ALA A 200 -22.57 -1.46 -12.55
C ALA A 200 -22.25 -0.04 -12.09
N ARG A 201 -21.74 0.09 -10.87
CA ARG A 201 -21.32 1.38 -10.36
C ARG A 201 -19.83 1.59 -10.59
N CYS A 202 -19.10 0.48 -10.72
CA CYS A 202 -17.68 0.52 -11.01
C CYS A 202 -17.44 1.02 -12.43
N ARG A 203 -18.28 0.57 -13.36
CA ARG A 203 -18.18 0.96 -14.76
C ARG A 203 -18.41 2.45 -14.95
N GLU A 204 -19.45 2.98 -14.28
CA GLU A 204 -19.83 4.37 -14.45
C GLU A 204 -18.79 5.33 -13.88
N ALA A 205 -17.96 4.84 -12.97
CA ALA A 205 -16.89 5.66 -12.40
C ALA A 205 -15.71 5.75 -13.36
N ARG A 206 -15.38 4.63 -14.00
CA ARG A 206 -14.30 4.62 -14.99
C ARG A 206 -14.75 5.30 -16.29
N ALA A 207 -15.99 5.04 -16.68
CA ALA A 207 -16.55 5.67 -17.88
C ALA A 207 -16.71 7.17 -17.67
N GLU A 208 -16.65 7.60 -16.42
CA GLU A 208 -16.65 9.03 -16.10
C GLU A 208 -15.23 9.56 -16.16
N LEU A 209 -14.32 8.85 -15.51
CA LEU A 209 -12.92 9.26 -15.46
C LEU A 209 -12.27 9.21 -16.84
N GLN A 210 -12.61 8.17 -17.60
CA GLN A 210 -12.04 7.98 -18.93
C GLN A 210 -12.41 9.13 -19.87
N LYS A 211 -13.63 9.63 -19.74
CA LYS A 211 -14.08 10.74 -20.58
C LYS A 211 -13.45 12.05 -20.14
N ILE A 212 -13.32 12.24 -18.82
CA ILE A 212 -12.67 13.42 -18.27
C ILE A 212 -11.22 13.49 -18.76
N LEU A 213 -10.51 12.37 -18.63
CA LEU A 213 -9.12 12.28 -19.06
C LEU A 213 -9.00 12.51 -20.57
N GLY A 214 -9.92 11.90 -21.32
CA GLY A 214 -9.93 12.02 -22.77
C GLY A 214 -10.08 13.45 -23.25
N GLU A 215 -10.85 14.24 -22.50
CA GLU A 215 -11.07 15.64 -22.85
C GLU A 215 -9.88 16.51 -22.46
N ILE A 216 -9.14 16.08 -21.43
CA ILE A 216 -7.91 16.76 -21.06
C ILE A 216 -6.86 16.52 -22.12
N ILE A 217 -6.88 15.32 -22.69
CA ILE A 217 -5.97 14.95 -23.77
C ILE A 217 -6.34 15.69 -25.06
N VAL A 218 -7.64 15.81 -25.32
CA VAL A 218 -8.11 16.59 -26.46
C VAL A 218 -7.69 18.05 -26.32
N ALA A 219 -7.65 18.53 -25.09
CA ALA A 219 -7.28 19.91 -24.80
C ALA A 219 -5.77 20.12 -24.86
N ARG A 220 -5.02 19.12 -24.42
CA ARG A 220 -3.57 19.21 -24.38
C ARG A 220 -2.93 19.07 -25.77
N GLU A 221 -3.64 18.40 -26.68
CA GLU A 221 -3.17 18.26 -28.05
C GLU A 221 -3.43 19.53 -28.85
N LYS A 222 -4.24 20.42 -28.30
CA LYS A 222 -4.51 21.72 -28.92
C LYS A 222 -3.70 22.84 -28.27
N GLU A 223 -2.86 22.48 -27.30
CA GLU A 223 -1.89 23.40 -26.73
C GLU A 223 -0.51 22.95 -27.18
N GLU A 224 -0.43 21.68 -27.56
CA GLU A 224 0.84 21.03 -27.91
C GLU A 224 1.58 21.80 -29.00
N ALA A 225 0.86 22.68 -29.68
CA ALA A 225 1.42 23.43 -30.80
C ALA A 225 2.59 24.33 -30.39
N SER A 226 2.59 24.78 -29.14
CA SER A 226 3.58 25.75 -28.69
C SER A 226 4.80 25.11 -28.03
N LYS A 227 4.63 23.91 -27.49
CA LYS A 227 5.68 23.26 -26.72
C LYS A 227 5.90 24.06 -25.44
N ASP A 228 5.02 25.06 -25.23
CA ASP A 228 5.11 25.97 -24.10
C ASP A 228 4.21 25.50 -22.96
N ASN A 229 3.39 24.49 -23.23
CA ASN A 229 2.51 23.92 -22.22
C ASN A 229 3.28 23.17 -21.14
N ASN A 230 4.40 22.54 -21.51
CA ASN A 230 5.35 22.05 -20.53
C ASN A 230 4.73 21.20 -19.41
N THR A 231 3.80 20.32 -19.76
CA THR A 231 3.13 19.51 -18.74
C THR A 231 3.80 18.14 -18.61
N SER A 232 4.46 17.91 -17.49
CA SER A 232 5.21 16.68 -17.27
C SER A 232 4.73 15.94 -16.03
N ASP A 233 3.46 15.55 -16.04
CA ASP A 233 2.89 14.78 -14.92
C ASP A 233 2.75 13.30 -15.31
N LEU A 234 2.20 12.51 -14.39
CA LEU A 234 2.03 11.08 -14.62
C LEU A 234 1.30 10.81 -15.93
N LEU A 235 0.29 11.61 -16.23
CA LEU A 235 -0.46 11.49 -17.47
C LEU A 235 0.42 11.85 -18.67
N GLY A 236 1.20 12.92 -18.51
CA GLY A 236 2.07 13.42 -19.58
C GLY A 236 3.06 12.38 -20.07
N GLY A 237 3.62 11.62 -19.13
CA GLY A 237 4.59 10.58 -19.48
C GLY A 237 3.94 9.33 -20.04
N LEU A 238 2.74 9.01 -19.56
CA LEU A 238 2.02 7.82 -19.98
C LEU A 238 1.49 7.95 -21.41
N LEU A 239 1.26 9.18 -21.85
CA LEU A 239 0.84 9.44 -23.21
C LEU A 239 2.00 9.18 -24.18
N LYS A 240 3.18 9.64 -23.79
CA LYS A 240 4.38 9.49 -24.61
C LYS A 240 4.87 8.05 -24.69
N ALA A 241 4.35 7.20 -23.81
CA ALA A 241 4.79 5.81 -23.72
C ALA A 241 4.65 5.04 -25.03
N VAL A 242 5.74 4.41 -25.47
CA VAL A 242 5.74 3.58 -26.67
C VAL A 242 6.14 2.14 -26.35
N TYR A 243 5.26 1.20 -26.67
CA TYR A 243 5.53 -0.21 -26.41
C TYR A 243 6.71 -0.75 -27.22
N ARG A 244 7.05 -2.01 -26.99
CA ARG A 244 8.14 -2.68 -27.72
C ARG A 244 7.79 -2.87 -29.19
N ASP A 245 6.50 -3.05 -29.47
CA ASP A 245 6.04 -3.29 -30.84
C ASP A 245 5.44 -2.04 -31.49
N GLY A 246 5.99 -0.88 -31.14
CA GLY A 246 5.65 0.38 -31.81
C GLY A 246 4.34 1.03 -31.40
N THR A 247 3.45 0.26 -30.78
CA THR A 247 2.13 0.76 -30.40
C THR A 247 2.18 1.65 -29.15
N ARG A 248 1.10 2.38 -28.91
CA ARG A 248 1.00 3.25 -27.73
C ARG A 248 -0.18 2.87 -26.84
N MET A 249 -0.18 3.39 -25.61
CA MET A 249 -1.26 3.12 -24.67
C MET A 249 -2.56 3.79 -25.08
N SER A 250 -3.64 3.02 -25.08
CA SER A 250 -4.96 3.57 -25.35
C SER A 250 -5.56 4.13 -24.07
N LEU A 251 -6.59 4.96 -24.22
CA LEU A 251 -7.21 5.65 -23.09
C LEU A 251 -7.60 4.69 -21.97
N HIS A 252 -8.10 3.52 -22.36
CA HIS A 252 -8.52 2.49 -21.41
C HIS A 252 -7.34 2.01 -20.57
N GLU A 253 -6.21 1.79 -21.23
CA GLU A 253 -4.99 1.35 -20.56
C GLU A 253 -4.36 2.48 -19.78
N VAL A 254 -4.54 3.71 -20.25
CA VAL A 254 -4.02 4.88 -19.57
C VAL A 254 -4.74 5.14 -18.26
N CYS A 255 -6.06 5.27 -18.31
CA CYS A 255 -6.86 5.52 -17.11
C CYS A 255 -6.61 4.43 -16.08
N GLY A 256 -6.67 3.17 -16.52
CA GLY A 256 -6.44 2.04 -15.63
C GLY A 256 -5.14 2.19 -14.86
N MET A 257 -4.13 2.76 -15.51
CA MET A 257 -2.81 2.93 -14.90
C MET A 257 -2.85 4.02 -13.83
N ILE A 258 -3.47 5.16 -14.16
CA ILE A 258 -3.62 6.23 -13.19
C ILE A 258 -4.39 5.73 -11.96
N VAL A 259 -5.53 5.08 -12.21
CA VAL A 259 -6.33 4.50 -11.15
C VAL A 259 -5.47 3.59 -10.25
N ALA A 260 -4.73 2.69 -10.87
CA ALA A 260 -3.88 1.77 -10.12
C ALA A 260 -2.83 2.51 -9.29
N ALA A 261 -2.25 3.55 -9.87
CA ALA A 261 -1.25 4.36 -9.18
C ALA A 261 -1.79 4.96 -7.89
N MET A 262 -3.03 5.44 -7.95
CA MET A 262 -3.64 6.13 -6.81
C MET A 262 -4.19 5.14 -5.80
N PHE A 263 -4.89 4.13 -6.30
CA PHE A 263 -5.50 3.11 -5.45
C PHE A 263 -4.46 2.42 -4.57
N ALA A 264 -3.32 2.06 -5.17
CA ALA A 264 -2.26 1.36 -4.46
C ALA A 264 -1.72 2.17 -3.29
N GLY A 265 -1.44 3.44 -3.55
CA GLY A 265 -0.82 4.30 -2.55
C GLY A 265 -1.76 4.77 -1.46
N GLN A 266 -2.99 5.12 -1.83
CA GLN A 266 -3.88 5.82 -0.92
C GLN A 266 -4.31 5.03 0.32
N HIS A 267 -4.60 3.75 0.13
CA HIS A 267 -5.00 2.90 1.26
C HIS A 267 -3.81 2.52 2.12
N THR A 268 -2.76 2.02 1.47
CA THR A 268 -1.57 1.58 2.18
C THR A 268 -0.83 2.71 2.89
N SER A 269 -0.69 3.85 2.21
CA SER A 269 0.04 4.99 2.77
C SER A 269 -0.69 5.61 3.96
N THR A 270 -2.00 5.80 3.82
CA THR A 270 -2.79 6.46 4.86
C THR A 270 -2.84 5.62 6.13
N ILE A 271 -2.88 4.29 5.97
CA ILE A 271 -2.85 3.39 7.10
C ILE A 271 -1.50 3.48 7.80
N THR A 272 -0.44 3.49 7.01
CA THR A 272 0.92 3.64 7.52
C THR A 272 1.07 4.95 8.29
N THR A 273 0.67 6.05 7.67
CA THR A 273 0.76 7.35 8.32
C THR A 273 0.03 7.33 9.65
N SER A 274 -1.23 6.93 9.62
CA SER A 274 -2.07 6.89 10.82
C SER A 274 -1.42 6.07 11.94
N TRP A 275 -0.94 4.88 11.60
CA TRP A 275 -0.23 4.05 12.56
C TRP A 275 0.95 4.80 13.14
N SER A 276 1.79 5.35 12.27
CA SER A 276 3.01 6.04 12.69
C SER A 276 2.70 7.14 13.70
N MET A 277 1.58 7.84 13.48
CA MET A 277 1.20 8.95 14.33
C MET A 277 0.68 8.49 15.69
N LEU A 278 -0.01 7.35 15.69
CA LEU A 278 -0.58 6.81 16.92
C LEU A 278 0.51 6.35 17.88
N HIS A 279 1.58 5.78 17.36
CA HIS A 279 2.69 5.31 18.18
C HIS A 279 3.45 6.47 18.83
N LEU A 280 3.91 7.40 18.00
CA LEU A 280 4.65 8.56 18.49
C LEU A 280 3.81 9.38 19.47
N MET A 281 2.51 9.41 19.23
CA MET A 281 1.56 10.15 20.04
C MET A 281 1.42 9.55 21.44
N HIS A 282 1.60 8.24 21.52
CA HIS A 282 1.40 7.49 22.77
C HIS A 282 2.49 7.81 23.81
N PRO A 283 2.07 8.00 25.06
CA PRO A 283 2.94 8.37 26.18
C PRO A 283 4.09 7.39 26.44
N LYS A 284 3.88 6.11 26.11
CA LYS A 284 4.92 5.11 26.32
C LYS A 284 6.07 5.26 25.34
N ASN A 285 5.82 6.02 24.28
CA ASN A 285 6.77 6.16 23.20
C ASN A 285 7.48 7.51 23.20
N LYS A 286 7.55 8.14 24.37
CA LYS A 286 7.99 9.52 24.50
C LYS A 286 9.43 9.73 24.07
N LYS A 287 10.28 8.73 24.31
CA LYS A 287 11.69 8.81 23.93
C LYS A 287 11.85 8.86 22.42
N TRP A 288 10.94 8.20 21.72
CA TRP A 288 10.97 8.16 20.25
C TRP A 288 10.46 9.48 19.67
N LEU A 289 9.43 10.04 20.27
CA LEU A 289 8.89 11.32 19.85
C LEU A 289 9.92 12.43 20.03
N ASP A 290 10.70 12.34 21.11
CA ASP A 290 11.76 13.30 21.38
C ASP A 290 12.88 13.20 20.36
N LYS A 291 13.33 11.98 20.08
CA LYS A 291 14.40 11.76 19.11
C LYS A 291 13.94 12.14 17.70
N LEU A 292 12.62 12.04 17.47
CA LEU A 292 12.04 12.53 16.22
C LEU A 292 12.20 14.05 16.17
N HIS A 293 11.86 14.71 17.28
CA HIS A 293 11.99 16.15 17.37
C HIS A 293 13.43 16.62 17.24
N LYS A 294 14.36 15.90 17.87
CA LYS A 294 15.78 16.24 17.76
C LYS A 294 16.18 16.24 16.29
N GLU A 295 15.54 15.35 15.53
CA GLU A 295 15.87 15.19 14.11
C GLU A 295 15.26 16.29 13.23
N ILE A 296 14.06 16.75 13.59
CA ILE A 296 13.32 17.68 12.72
C ILE A 296 13.27 19.13 13.20
N ASP A 297 13.79 19.41 14.39
CA ASP A 297 13.75 20.75 14.96
C ASP A 297 14.58 21.77 14.16
N GLU A 298 15.68 21.29 13.58
CA GLU A 298 16.62 22.16 12.87
C GLU A 298 16.12 22.56 11.47
N PHE A 299 15.09 21.90 10.98
CA PHE A 299 14.61 22.12 9.62
C PHE A 299 13.91 23.47 9.43
N PRO A 300 14.07 24.07 8.25
CA PRO A 300 13.35 25.30 7.88
C PRO A 300 11.87 25.02 7.65
N ALA A 301 11.09 26.07 7.49
CA ALA A 301 9.64 25.93 7.28
C ALA A 301 9.33 25.28 5.94
N GLN A 302 10.13 25.59 4.93
CA GLN A 302 9.93 25.03 3.60
C GLN A 302 11.00 23.98 3.31
N LEU A 303 10.61 22.72 3.39
CA LEU A 303 11.53 21.59 3.22
C LEU A 303 11.85 21.33 1.76
N ASN A 304 13.08 20.92 1.50
CA ASN A 304 13.49 20.50 0.16
C ASN A 304 13.73 19.00 0.09
N TYR A 305 14.00 18.49 -1.11
CA TYR A 305 14.18 17.07 -1.33
C TYR A 305 15.22 16.46 -0.39
N ASP A 306 16.34 17.16 -0.21
CA ASP A 306 17.45 16.66 0.60
C ASP A 306 17.05 16.40 2.04
N ASN A 307 16.26 17.31 2.62
CA ASN A 307 15.85 17.20 4.01
C ASN A 307 15.15 15.88 4.35
N VAL A 308 14.13 15.56 3.57
CA VAL A 308 13.32 14.38 3.82
C VAL A 308 14.08 13.11 3.48
N MET A 309 14.77 13.12 2.34
CA MET A 309 15.51 11.96 1.86
C MET A 309 16.81 11.71 2.62
N ASP A 310 17.56 12.78 2.87
CA ASP A 310 18.94 12.66 3.35
C ASP A 310 19.10 12.81 4.86
N GLU A 311 18.34 13.72 5.46
CA GLU A 311 18.54 14.05 6.87
C GLU A 311 17.44 13.53 7.78
N MET A 312 16.85 12.38 7.45
CA MET A 312 15.67 11.93 8.18
C MET A 312 15.59 10.41 8.36
N PRO A 313 16.73 9.77 8.66
CA PRO A 313 16.72 8.31 8.76
C PRO A 313 15.77 7.79 9.83
N PHE A 314 15.80 8.40 11.02
CA PHE A 314 15.02 7.88 12.14
C PHE A 314 13.52 7.86 11.85
N ALA A 315 13.04 8.91 11.17
CA ALA A 315 11.65 8.96 10.77
C ALA A 315 11.30 7.73 9.96
N GLU A 316 12.18 7.38 9.03
CA GLU A 316 11.99 6.20 8.21
C GLU A 316 12.01 4.94 9.06
N ARG A 317 12.75 4.96 10.17
CA ARG A 317 12.78 3.83 11.08
C ARG A 317 11.44 3.65 11.79
N CYS A 318 10.77 4.76 12.06
CA CYS A 318 9.44 4.71 12.65
C CYS A 318 8.43 4.16 11.66
N VAL A 319 8.41 4.75 10.46
CA VAL A 319 7.52 4.33 9.39
C VAL A 319 7.68 2.83 9.06
N ARG A 320 8.91 2.40 8.79
CA ARG A 320 9.15 1.00 8.47
C ARG A 320 8.70 0.08 9.61
N GLU A 321 8.93 0.50 10.85
CA GLU A 321 8.54 -0.30 11.99
C GLU A 321 7.03 -0.44 12.03
N SER A 322 6.33 0.64 11.68
CA SER A 322 4.87 0.63 11.66
C SER A 322 4.32 -0.34 10.63
N ILE A 323 5.04 -0.48 9.53
CA ILE A 323 4.67 -1.42 8.47
C ILE A 323 5.13 -2.82 8.86
N ARG A 324 6.10 -2.88 9.76
CA ARG A 324 6.62 -4.16 10.21
C ARG A 324 5.68 -4.77 11.24
N ARG A 325 5.16 -3.91 12.13
CA ARG A 325 4.28 -4.33 13.20
C ARG A 325 2.88 -4.67 12.69
N ASP A 326 2.29 -3.73 11.97
CA ASP A 326 0.96 -3.90 11.40
C ASP A 326 0.98 -3.65 9.90
N PRO A 327 1.32 -4.68 9.11
CA PRO A 327 1.41 -4.54 7.66
C PRO A 327 0.04 -4.45 7.01
N PRO A 328 -0.17 -3.41 6.18
CA PRO A 328 -1.41 -3.16 5.44
C PRO A 328 -1.90 -4.37 4.65
N LEU A 329 -0.98 -5.04 3.96
CA LEU A 329 -1.33 -6.23 3.17
C LEU A 329 -0.87 -7.50 3.88
N LEU A 330 -1.83 -8.34 4.24
CA LEU A 330 -1.56 -9.52 5.07
C LEU A 330 -0.99 -10.67 4.27
N MET A 331 -1.45 -10.82 3.04
CA MET A 331 -1.09 -11.98 2.22
C MET A 331 -0.64 -11.58 0.82
N VAL A 332 0.48 -12.13 0.40
CA VAL A 332 0.91 -12.05 -0.98
C VAL A 332 0.70 -13.45 -1.56
N MET A 333 0.23 -13.54 -2.80
CA MET A 333 -0.19 -14.82 -3.37
C MET A 333 0.30 -15.11 -4.78
N ARG A 334 0.46 -16.40 -5.08
CA ARG A 334 0.80 -16.86 -6.41
C ARG A 334 0.03 -18.14 -6.76
N MET A 335 0.03 -18.50 -8.03
CA MET A 335 -0.53 -19.78 -8.48
C MET A 335 0.58 -20.56 -9.17
N VAL A 336 0.92 -21.72 -8.61
CA VAL A 336 2.04 -22.51 -9.13
C VAL A 336 1.68 -23.20 -10.45
N LYS A 337 2.58 -23.10 -11.41
CA LYS A 337 2.40 -23.75 -12.70
C LYS A 337 3.43 -24.87 -12.83
N ALA A 338 4.59 -24.65 -12.22
CA ALA A 338 5.64 -25.64 -12.14
C ALA A 338 6.31 -25.51 -10.78
N GLU A 339 6.27 -26.58 -9.99
CA GLU A 339 6.81 -26.53 -8.64
C GLU A 339 8.34 -26.52 -8.57
N VAL A 340 8.85 -25.77 -7.62
CA VAL A 340 10.27 -25.83 -7.25
C VAL A 340 10.35 -26.00 -5.74
N LYS A 341 11.42 -26.65 -5.27
CA LYS A 341 11.54 -27.03 -3.87
C LYS A 341 11.40 -25.84 -2.93
N VAL A 342 10.66 -26.03 -1.84
CA VAL A 342 10.58 -25.03 -0.79
C VAL A 342 11.27 -25.56 0.46
N GLY A 343 12.58 -25.30 0.57
CA GLY A 343 13.37 -25.86 1.66
C GLY A 343 13.43 -27.36 1.56
N SER A 344 12.83 -28.04 2.53
CA SER A 344 12.76 -29.50 2.52
C SER A 344 11.50 -29.99 1.82
N TYR A 345 10.41 -29.24 1.98
CA TYR A 345 9.12 -29.60 1.41
C TYR A 345 9.06 -29.27 -0.08
N VAL A 346 7.94 -29.62 -0.71
CA VAL A 346 7.70 -29.27 -2.12
C VAL A 346 6.23 -28.92 -2.34
N VAL A 347 5.99 -27.87 -3.13
CA VAL A 347 4.63 -27.44 -3.42
C VAL A 347 4.19 -27.86 -4.82
N PRO A 348 3.11 -28.66 -4.89
CA PRO A 348 2.64 -29.26 -6.14
C PRO A 348 1.97 -28.27 -7.08
N LYS A 349 1.90 -28.62 -8.36
CA LYS A 349 1.24 -27.78 -9.35
C LYS A 349 -0.24 -27.65 -9.00
N GLY A 350 -0.81 -26.50 -9.33
CA GLY A 350 -2.22 -26.22 -9.02
C GLY A 350 -2.41 -25.74 -7.60
N ASP A 351 -1.36 -25.89 -6.80
CA ASP A 351 -1.39 -25.43 -5.42
C ASP A 351 -1.29 -23.91 -5.40
N ILE A 352 -1.99 -23.28 -4.46
CA ILE A 352 -1.95 -21.83 -4.34
C ILE A 352 -0.99 -21.41 -3.22
N ILE A 353 0.17 -20.88 -3.62
CA ILE A 353 1.25 -20.54 -2.70
C ILE A 353 1.20 -19.08 -2.24
N ALA A 354 1.30 -18.87 -0.93
CA ALA A 354 1.21 -17.54 -0.35
C ALA A 354 2.37 -17.24 0.58
N CYS A 355 2.63 -15.95 0.79
CA CYS A 355 3.65 -15.49 1.71
C CYS A 355 3.05 -14.35 2.51
N SER A 356 3.02 -14.48 3.83
CA SER A 356 2.28 -13.53 4.66
C SER A 356 3.15 -12.59 5.49
N PRO A 357 3.23 -11.32 5.08
CA PRO A 357 3.90 -10.27 5.85
C PRO A 357 3.37 -10.15 7.27
N LEU A 358 2.10 -10.51 7.48
CA LEU A 358 1.52 -10.47 8.81
C LEU A 358 2.15 -11.57 9.68
N LEU A 359 2.31 -12.75 9.09
CA LEU A 359 2.88 -13.88 9.81
C LEU A 359 4.37 -13.68 10.05
N SER A 360 5.11 -13.50 8.96
CA SER A 360 6.57 -13.41 9.05
C SER A 360 7.06 -12.33 10.00
N HIS A 361 6.40 -11.16 9.96
CA HIS A 361 6.77 -10.03 10.79
C HIS A 361 6.60 -10.32 12.28
N HIS A 362 6.11 -11.50 12.60
CA HIS A 362 5.85 -11.87 13.99
C HIS A 362 6.62 -13.12 14.42
N ASP A 363 7.60 -13.51 13.59
CA ASP A 363 8.50 -14.62 13.90
C ASP A 363 9.49 -14.24 15.00
N GLU A 364 9.40 -14.93 16.13
CA GLU A 364 10.22 -14.62 17.31
C GLU A 364 11.71 -14.49 17.04
N GLU A 365 12.25 -15.35 16.17
CA GLU A 365 13.66 -15.24 15.80
C GLU A 365 13.91 -13.97 15.01
N ALA A 366 13.08 -13.76 13.98
CA ALA A 366 13.21 -12.60 13.11
C ALA A 366 12.91 -11.31 13.86
N PHE A 367 11.82 -11.32 14.63
CA PHE A 367 11.40 -10.15 15.39
C PHE A 367 10.97 -10.50 16.81
N PRO A 368 11.93 -10.50 17.76
CA PRO A 368 11.59 -10.77 19.16
C PRO A 368 10.60 -9.74 19.70
N ASN A 369 9.57 -10.21 20.40
CA ASN A 369 8.53 -9.35 20.95
C ASN A 369 7.82 -8.55 19.86
N PRO A 370 7.23 -9.26 18.89
CA PRO A 370 6.68 -8.71 17.66
C PRO A 370 5.58 -7.66 17.86
N ARG A 371 4.87 -7.71 18.99
CA ARG A 371 3.82 -6.74 19.24
C ARG A 371 4.35 -5.46 19.91
N LEU A 372 5.67 -5.31 19.93
CA LEU A 372 6.29 -4.12 20.46
C LEU A 372 6.76 -3.20 19.35
N TRP A 373 6.31 -1.95 19.37
CA TRP A 373 6.75 -0.95 18.42
C TRP A 373 8.14 -0.47 18.81
N ASP A 374 9.13 -0.76 17.97
CA ASP A 374 10.51 -0.42 18.24
C ASP A 374 11.22 -0.03 16.95
N PRO A 375 11.33 1.29 16.70
CA PRO A 375 11.91 1.79 15.45
C PRO A 375 13.41 1.47 15.30
N GLU A 376 14.10 1.30 16.43
CA GLU A 376 15.54 1.06 16.41
C GLU A 376 15.90 -0.41 16.17
N ARG A 377 14.91 -1.28 16.18
CA ARG A 377 15.15 -2.70 15.99
C ARG A 377 15.46 -3.04 14.52
N ASP A 378 16.36 -3.99 14.31
CA ASP A 378 16.71 -4.44 12.97
C ASP A 378 16.34 -5.92 12.81
N GLU A 379 15.81 -6.27 11.64
CA GLU A 379 15.43 -7.65 11.37
C GLU A 379 16.58 -8.60 11.72
N LYS A 380 16.30 -9.57 12.58
CA LYS A 380 17.33 -10.50 13.03
C LYS A 380 17.51 -11.66 12.06
N VAL A 381 16.78 -11.63 10.96
CA VAL A 381 17.02 -12.53 9.84
C VAL A 381 16.96 -11.74 8.55
N ASP A 382 17.95 -11.92 7.68
CA ASP A 382 18.01 -11.19 6.42
C ASP A 382 16.81 -11.48 5.55
N GLY A 383 16.10 -10.42 5.16
CA GLY A 383 14.96 -10.55 4.26
C GLY A 383 13.65 -10.86 4.98
N ALA A 384 13.65 -10.74 6.30
CA ALA A 384 12.44 -10.99 7.08
C ALA A 384 11.36 -9.98 6.73
N PHE A 385 11.68 -8.70 6.85
CA PHE A 385 10.75 -7.64 6.49
C PHE A 385 10.39 -7.73 5.02
N ILE A 386 9.11 -8.01 4.74
CA ILE A 386 8.63 -8.14 3.39
C ILE A 386 7.39 -7.27 3.19
N GLY A 387 7.30 -6.20 3.97
CA GLY A 387 6.15 -5.29 3.93
C GLY A 387 5.93 -4.65 2.57
N PHE A 388 7.01 -4.51 1.80
CA PHE A 388 6.89 -4.01 0.43
C PHE A 388 7.10 -5.11 -0.60
N GLY A 389 7.15 -6.35 -0.12
CA GLY A 389 7.46 -7.48 -0.98
C GLY A 389 8.94 -7.50 -1.30
N ALA A 390 9.36 -8.46 -2.12
CA ALA A 390 10.75 -8.59 -2.50
C ALA A 390 10.91 -9.24 -3.87
N GLY A 391 12.12 -9.20 -4.40
CA GLY A 391 12.43 -9.86 -5.66
C GLY A 391 11.72 -9.30 -6.89
N VAL A 392 11.09 -10.20 -7.64
CA VAL A 392 10.51 -9.85 -8.93
C VAL A 392 9.36 -8.87 -8.81
N HIS A 393 8.63 -8.94 -7.70
CA HIS A 393 7.47 -8.09 -7.51
C HIS A 393 7.59 -7.18 -6.29
N LYS A 394 8.77 -6.59 -6.10
CA LYS A 394 8.97 -5.62 -5.03
C LYS A 394 8.21 -4.32 -5.33
N CYS A 395 7.92 -3.55 -4.30
CA CYS A 395 7.06 -2.38 -4.42
C CYS A 395 7.73 -1.20 -5.14
N ILE A 396 7.15 -0.78 -6.27
CA ILE A 396 7.71 0.32 -7.05
C ILE A 396 7.27 1.66 -6.47
N GLY A 397 6.30 1.64 -5.58
CA GLY A 397 5.86 2.86 -4.92
C GLY A 397 6.49 3.05 -3.56
N GLN A 398 7.43 2.16 -3.23
CA GLN A 398 8.06 2.18 -1.91
C GLN A 398 8.74 3.51 -1.61
N LYS A 399 9.51 4.02 -2.57
CA LYS A 399 10.26 5.25 -2.39
C LYS A 399 9.33 6.45 -2.22
N PHE A 400 8.26 6.48 -3.01
CA PHE A 400 7.31 7.59 -3.00
C PHE A 400 6.48 7.61 -1.71
N ALA A 401 5.96 6.45 -1.31
CA ALA A 401 5.18 6.36 -0.09
C ALA A 401 6.02 6.76 1.12
N LEU A 402 7.23 6.21 1.22
CA LEU A 402 8.14 6.58 2.30
C LEU A 402 8.30 8.09 2.36
N LEU A 403 8.55 8.69 1.21
CA LEU A 403 8.71 10.14 1.12
C LEU A 403 7.43 10.84 1.54
N GLN A 404 6.29 10.31 1.10
CA GLN A 404 5.00 10.93 1.37
C GLN A 404 4.68 10.95 2.86
N VAL A 405 4.88 9.82 3.52
CA VAL A 405 4.58 9.71 4.94
C VAL A 405 5.55 10.50 5.81
N LYS A 406 6.84 10.40 5.51
CA LYS A 406 7.84 11.17 6.25
C LYS A 406 7.55 12.67 6.16
N THR A 407 7.29 13.15 4.94
CA THR A 407 6.99 14.56 4.72
C THR A 407 5.80 15.00 5.58
N ILE A 408 4.78 14.15 5.64
CA ILE A 408 3.59 14.46 6.41
C ILE A 408 3.89 14.49 7.91
N LEU A 409 4.64 13.49 8.38
CA LEU A 409 5.00 13.41 9.79
C LEU A 409 5.80 14.64 10.24
N ALA A 410 6.79 15.02 9.44
CA ALA A 410 7.60 16.19 9.74
C ALA A 410 6.77 17.47 9.80
N THR A 411 5.82 17.61 8.88
CA THR A 411 5.02 18.81 8.77
C THR A 411 3.98 18.91 9.89
N ALA A 412 3.43 17.76 10.27
CA ALA A 412 2.41 17.70 11.31
C ALA A 412 3.00 17.99 12.69
N PHE A 413 4.00 17.20 13.08
CA PHE A 413 4.59 17.29 14.40
C PHE A 413 5.31 18.62 14.68
N ARG A 414 5.81 19.24 13.62
CA ARG A 414 6.53 20.50 13.76
C ARG A 414 5.63 21.59 14.35
N GLU A 415 4.36 21.58 13.94
CA GLU A 415 3.46 22.68 14.26
C GLU A 415 2.27 22.25 15.12
N TYR A 416 2.26 20.99 15.55
CA TYR A 416 1.15 20.48 16.35
C TYR A 416 1.59 19.45 17.40
N ASP A 417 0.74 19.26 18.39
CA ASP A 417 0.89 18.18 19.36
C ASP A 417 -0.36 17.33 19.34
N PHE A 418 -0.24 16.08 19.75
CA PHE A 418 -1.38 15.17 19.69
C PHE A 418 -1.57 14.34 20.96
N GLN A 419 -2.82 14.02 21.27
CA GLN A 419 -3.17 13.28 22.46
C GLN A 419 -4.20 12.22 22.09
N LEU A 420 -3.90 10.96 22.41
CA LEU A 420 -4.79 9.85 22.07
C LEU A 420 -5.86 9.69 23.14
N LEU A 421 -7.13 9.89 22.75
CA LEU A 421 -8.24 9.81 23.68
C LEU A 421 -8.33 8.44 24.35
N ARG A 422 -7.62 7.46 23.79
CA ARG A 422 -7.64 6.11 24.32
C ARG A 422 -6.46 5.84 25.26
N ASP A 423 -6.53 4.71 25.96
CA ASP A 423 -5.46 4.31 26.86
C ASP A 423 -4.41 3.52 26.08
N GLU A 424 -4.87 2.78 25.08
CA GLU A 424 -3.99 1.94 24.27
C GLU A 424 -4.07 2.23 22.77
N VAL A 425 -3.00 1.92 22.07
CA VAL A 425 -2.95 2.02 20.61
C VAL A 425 -4.04 1.13 20.01
N PRO A 426 -4.78 1.66 19.03
CA PRO A 426 -5.91 0.96 18.44
C PRO A 426 -5.57 -0.44 17.96
N ASP A 427 -6.51 -1.37 18.10
CA ASP A 427 -6.34 -2.71 17.57
C ASP A 427 -6.68 -2.73 16.09
N PRO A 428 -5.84 -3.40 15.29
CA PRO A 428 -6.09 -3.50 13.85
C PRO A 428 -7.45 -4.11 13.54
N ASP A 429 -8.03 -3.70 12.42
CA ASP A 429 -9.32 -4.21 11.97
C ASP A 429 -9.13 -5.17 10.80
N TYR A 430 -9.47 -6.44 11.00
CA TYR A 430 -9.21 -7.47 10.00
C TYR A 430 -10.41 -7.75 9.10
N HIS A 431 -11.47 -6.96 9.26
CA HIS A 431 -12.66 -7.07 8.40
C HIS A 431 -12.29 -6.84 6.94
N THR A 432 -11.56 -5.76 6.68
CA THR A 432 -11.14 -5.41 5.33
C THR A 432 -9.94 -6.24 4.88
N MET A 433 -9.73 -6.32 3.58
CA MET A 433 -8.59 -7.04 3.01
C MET A 433 -7.29 -6.28 3.25
N VAL A 434 -7.37 -4.96 3.19
CA VAL A 434 -6.25 -4.09 3.54
C VAL A 434 -6.47 -3.60 4.97
N VAL A 435 -5.52 -3.92 5.84
CA VAL A 435 -5.72 -3.74 7.29
C VAL A 435 -5.15 -2.44 7.87
N GLY A 436 -6.02 -1.69 8.51
CA GLY A 436 -5.62 -0.51 9.29
C GLY A 436 -6.22 -0.55 10.68
N PRO A 437 -5.95 0.47 11.51
CA PRO A 437 -6.52 0.55 12.86
C PRO A 437 -8.01 0.87 12.84
N THR A 438 -8.73 0.51 13.90
CA THR A 438 -10.18 0.67 13.94
C THR A 438 -10.62 2.14 13.88
N LEU A 439 -11.63 2.40 13.06
CA LEU A 439 -12.12 3.75 12.82
C LEU A 439 -12.51 4.45 14.13
N ASN A 440 -13.45 3.86 14.85
CA ASN A 440 -13.98 4.47 16.08
C ASN A 440 -12.99 4.48 17.24
N GLN A 441 -11.79 3.99 16.99
CA GLN A 441 -10.72 4.04 17.98
C GLN A 441 -9.72 5.12 17.61
N CYS A 442 -9.89 5.67 16.41
CA CYS A 442 -8.94 6.64 15.86
C CYS A 442 -9.28 8.09 16.17
N LEU A 443 -10.06 8.32 17.23
CA LEU A 443 -10.39 9.68 17.63
C LEU A 443 -9.23 10.31 18.42
N VAL A 444 -8.72 11.43 17.91
CA VAL A 444 -7.53 12.06 18.47
C VAL A 444 -7.77 13.53 18.77
N LYS A 445 -7.07 14.04 19.79
CA LYS A 445 -7.15 15.45 20.16
C LYS A 445 -5.88 16.18 19.74
N TYR A 446 -6.03 17.29 19.03
CA TYR A 446 -4.86 18.05 18.60
C TYR A 446 -4.65 19.35 19.38
N THR A 447 -3.38 19.69 19.60
CA THR A 447 -3.00 20.88 20.35
C THR A 447 -1.89 21.63 19.61
N ARG A 448 -2.16 22.86 19.21
CA ARG A 448 -1.21 23.65 18.43
C ARG A 448 -0.09 24.24 19.27
N LYS A 449 1.13 24.15 18.77
CA LYS A 449 2.31 24.73 19.42
C LYS A 449 2.36 26.23 19.17
N LYS A 450 2.61 26.99 20.24
CA LYS A 450 2.50 28.45 20.31
C LYS A 450 3.78 29.15 20.76
N LYS A 451 3.88 30.44 20.47
CA LYS A 451 5.11 31.21 20.57
C LYS A 451 5.97 30.77 21.75
#